data_4HUK
#
_entry.id   4HUK
#
_cell.length_a   118.335
_cell.length_b   118.335
_cell.length_c   226.473
_cell.angle_alpha   90.00
_cell.angle_beta   90.00
_cell.angle_gamma   120.00
#
_symmetry.space_group_name_H-M   'P 32 2 1'
#
loop_
_entity.id
_entity.type
_entity.pdbx_description
1 polymer 'Multidrug efflux protein'
2 polymer 'Protein B'
3 non-polymer TETRAPHENYLPHOSPHONIUM
#
loop_
_entity_poly.entity_id
_entity_poly.type
_entity_poly.pdbx_seq_one_letter_code
_entity_poly.pdbx_strand_id
1 'polypeptide(L)'
;LDRFSFSVFLKEIRLLTALALPMLLAQVAQVGIGFVDTVMAGGAGKEDLAAVALGSSAFATVYITFMGIMAALNPMIAQL
YGAGKTGEAGETGRQGIWFGLILGIFGMILMWAAITPFRNWLTLSDYVEGTMAQYMLFTSLAMPAAMVHRALHAYASSLN
RPRLIMLVSFAAFVLNVPLNYIFVYGKFGMPALGGAGCGVATMAVFWFSALALWIYIAKEKFFRPFGLTAKFGKPDWAVF
KQIWKIGAPIGLSYFLEASAFSFIVFLIAPFGEDYVAAQQVGISLSGILYMIPQSVGSAGTVRIGFSLGRREFSRARYIS
GVSLVSGWVLAVITVLSLVLFRSPLASMYNDDPAVLSIASTVLLFAGLFQPADFTQCIASYALRGYKVTKVPMFIHAAAF
WGCGLLPGYLLAYRFDMGIYGFWTALIASLTIAAVALVWCLEKYSMELVKSHKAVSSGL
;
A
2 'polypeptide(L)'
;ENLYFQGSVSSVPTKLEVVAATPTSLLISWDARGEYVVYYRITYGETGGNSPVQEFTVPGSSSTATISGLSPGVDYTITV
YARSYYWGWYSPISINYRT
;
B
#
# COMPACT_ATOMS: atom_id res chain seq x y z
N LEU A 1 7.18 23.11 -21.91
CA LEU A 1 8.13 23.49 -20.82
C LEU A 1 7.58 24.63 -19.94
N ASP A 2 6.28 24.54 -19.61
CA ASP A 2 5.65 25.36 -18.56
C ASP A 2 4.72 24.45 -17.74
N ARG A 3 4.10 23.49 -18.43
CA ARG A 3 3.42 22.36 -17.80
C ARG A 3 3.78 21.08 -18.58
N PHE A 4 4.19 20.05 -17.86
CA PHE A 4 4.39 18.71 -18.44
C PHE A 4 3.85 17.60 -17.51
N SER A 5 2.99 18.01 -16.58
CA SER A 5 2.08 17.14 -15.84
C SER A 5 0.68 17.50 -16.35
N PHE A 6 0.41 17.07 -17.60
CA PHE A 6 -0.63 17.63 -18.51
C PHE A 6 -1.82 18.44 -17.97
N SER A 7 -3.02 17.85 -17.99
CA SER A 7 -4.23 18.54 -17.53
C SER A 7 -4.45 18.29 -16.03
N VAL A 8 -3.71 19.03 -15.19
CA VAL A 8 -3.62 18.76 -13.74
C VAL A 8 -4.96 18.67 -13.00
N PHE A 9 -5.61 19.82 -12.79
CA PHE A 9 -6.77 19.91 -11.89
C PHE A 9 -7.75 18.76 -12.11
N LEU A 10 -8.33 18.73 -13.30
CA LEU A 10 -9.45 17.83 -13.58
C LEU A 10 -9.26 16.39 -13.07
N LYS A 11 -10.22 16.05 -12.24
CA LYS A 11 -10.40 14.79 -11.60
C LYS A 11 -11.76 15.08 -10.92
N GLU A 12 -12.65 15.72 -11.68
CA GLU A 12 -13.92 16.30 -11.15
C GLU A 12 -15.11 16.49 -12.13
N ILE A 13 -16.29 16.09 -11.65
CA ILE A 13 -17.61 16.41 -12.23
C ILE A 13 -18.54 16.75 -11.03
N ARG A 14 -19.35 15.76 -10.61
CA ARG A 14 -20.01 15.80 -9.29
C ARG A 14 -19.65 14.52 -8.50
N LEU A 15 -18.38 14.46 -8.10
CA LEU A 15 -17.79 13.32 -7.38
C LEU A 15 -17.83 13.51 -5.86
N LEU A 16 -18.58 14.50 -5.39
CA LEU A 16 -18.78 14.77 -3.95
C LEU A 16 -19.13 13.48 -3.23
N THR A 17 -19.45 12.46 -4.03
CA THR A 17 -19.97 11.21 -3.50
C THR A 17 -19.03 10.02 -3.73
N ALA A 18 -17.73 10.29 -3.87
CA ALA A 18 -16.74 9.23 -3.78
C ALA A 18 -16.64 8.83 -2.30
N LEU A 19 -17.35 7.76 -1.96
CA LEU A 19 -17.46 7.25 -0.59
C LEU A 19 -16.51 6.07 -0.34
N ALA A 20 -15.23 6.41 -0.24
CA ALA A 20 -14.24 5.57 0.41
C ALA A 20 -14.26 5.97 1.89
N LEU A 21 -15.29 5.49 2.58
CA LEU A 21 -15.47 5.71 4.04
C LEU A 21 -15.25 4.44 4.88
N PRO A 22 -15.58 3.25 4.34
CA PRO A 22 -15.02 2.06 4.97
C PRO A 22 -13.54 1.83 4.62
N MET A 23 -12.92 2.80 3.94
CA MET A 23 -11.48 2.77 3.61
C MET A 23 -10.65 3.63 4.58
N LEU A 24 -11.30 4.00 5.68
CA LEU A 24 -10.66 4.65 6.82
C LEU A 24 -10.66 3.62 7.92
N LEU A 25 -11.59 2.69 7.83
CA LEU A 25 -11.68 1.58 8.76
C LEU A 25 -10.71 0.47 8.35
N ALA A 26 -10.02 0.71 7.23
CA ALA A 26 -8.81 -0.03 6.85
C ALA A 26 -7.60 0.46 7.71
N GLN A 27 -7.64 1.73 8.14
CA GLN A 27 -6.57 2.30 9.00
C GLN A 27 -7.04 2.88 10.35
N VAL A 28 -8.24 2.47 10.79
CA VAL A 28 -8.69 2.71 12.16
C VAL A 28 -8.59 1.41 12.97
N ALA A 29 -8.36 0.32 12.26
CA ALA A 29 -7.92 -0.95 12.85
C ALA A 29 -6.42 -0.87 13.09
N GLN A 30 -5.81 0.14 12.48
CA GLN A 30 -4.35 0.36 12.42
C GLN A 30 -3.86 1.40 13.43
N VAL A 31 -4.83 2.11 14.03
CA VAL A 31 -4.61 2.80 15.30
C VAL A 31 -4.82 1.74 16.40
N GLY A 32 -5.68 0.77 16.11
CA GLY A 32 -5.87 -0.42 16.93
C GLY A 32 -4.62 -1.27 17.18
N ILE A 33 -3.73 -1.36 16.18
CA ILE A 33 -2.44 -2.04 16.36
C ILE A 33 -1.36 -1.02 16.73
N GLY A 34 -1.41 0.15 16.10
CA GLY A 34 -0.52 1.23 16.44
C GLY A 34 -0.45 1.40 17.95
N PHE A 35 -1.52 1.03 18.65
CA PHE A 35 -1.67 1.35 20.08
C PHE A 35 -1.53 0.19 21.08
N VAL A 36 -1.18 -0.99 20.56
CA VAL A 36 -0.63 -2.03 21.43
C VAL A 36 0.68 -1.40 21.87
N ASP A 37 1.66 -1.48 20.96
CA ASP A 37 2.77 -0.54 20.84
C ASP A 37 3.23 0.13 22.14
N THR A 38 2.49 1.17 22.57
CA THR A 38 2.83 1.98 23.74
C THR A 38 2.44 1.26 25.05
N VAL A 39 1.40 0.44 24.99
CA VAL A 39 0.91 -0.24 26.18
C VAL A 39 1.89 -1.29 26.66
N MET A 40 2.92 -1.56 25.86
CA MET A 40 4.11 -2.28 26.33
C MET A 40 5.39 -1.45 26.27
N ALA A 41 5.27 -0.18 25.88
CA ALA A 41 6.34 0.79 26.11
C ALA A 41 6.14 1.33 27.54
N GLY A 42 4.97 1.89 27.79
CA GLY A 42 4.53 2.21 29.15
C GLY A 42 3.74 1.05 29.74
N GLY A 43 4.34 -0.14 29.65
CA GLY A 43 3.77 -1.37 30.20
C GLY A 43 4.94 -2.22 30.65
N ALA A 44 6.02 -2.19 29.85
CA ALA A 44 7.37 -2.63 30.23
C ALA A 44 8.18 -1.41 30.65
N GLY A 45 7.56 -0.66 31.56
CA GLY A 45 8.18 0.40 32.34
C GLY A 45 8.15 -0.10 33.77
N LYS A 46 7.50 -1.25 33.94
CA LYS A 46 7.61 -2.03 35.18
C LYS A 46 9.09 -2.37 35.37
N GLU A 47 9.80 -2.55 34.25
CA GLU A 47 11.26 -2.58 34.24
C GLU A 47 11.74 -1.23 33.72
N ASP A 48 12.81 -0.70 34.30
CA ASP A 48 13.25 0.64 33.96
C ASP A 48 14.53 0.66 33.11
N LEU A 49 15.25 -0.45 33.09
CA LEU A 49 16.28 -0.66 32.07
C LEU A 49 15.63 -1.28 30.82
N ALA A 50 14.33 -1.62 30.93
CA ALA A 50 13.48 -1.96 29.77
C ALA A 50 12.88 -0.72 29.07
N ALA A 51 13.83 0.09 28.62
CA ALA A 51 13.76 0.65 27.31
C ALA A 51 14.03 -0.65 26.53
N VAL A 52 13.13 -0.90 25.59
CA VAL A 52 12.98 -2.22 25.04
C VAL A 52 12.85 -2.01 23.55
N ALA A 53 12.33 -0.83 23.19
CA ALA A 53 12.23 -0.38 21.81
C ALA A 53 13.58 -0.61 21.12
N LEU A 54 14.62 -0.62 21.95
CA LEU A 54 16.03 -0.89 21.58
C LEU A 54 16.26 -2.09 20.62
N GLY A 55 15.24 -2.93 20.51
CA GLY A 55 15.22 -4.04 19.56
C GLY A 55 13.88 -4.12 18.86
N SER A 56 12.81 -3.85 19.61
CA SER A 56 11.44 -3.92 19.11
C SER A 56 11.19 -2.87 18.04
N SER A 57 11.91 -1.77 18.11
CA SER A 57 11.78 -0.82 17.03
C SER A 57 12.98 -0.92 16.10
N ALA A 58 13.72 -2.02 16.22
CA ALA A 58 14.71 -2.33 15.20
C ALA A 58 14.50 -3.76 14.73
N PHE A 59 13.39 -4.34 15.19
CA PHE A 59 12.78 -5.52 14.59
C PHE A 59 11.90 -5.00 13.46
N ALA A 60 11.05 -4.03 13.81
CA ALA A 60 10.02 -3.48 12.93
C ALA A 60 10.66 -2.71 11.77
N THR A 61 11.87 -3.14 11.45
CA THR A 61 12.61 -2.61 10.37
C THR A 61 12.35 -3.56 9.23
N VAL A 62 12.61 -4.87 9.48
CA VAL A 62 12.31 -5.96 8.53
C VAL A 62 10.85 -6.43 8.59
N TYR A 63 10.08 -5.84 9.51
CA TYR A 63 8.64 -5.89 9.42
C TYR A 63 8.26 -4.90 8.32
N ILE A 64 8.01 -3.66 8.72
CA ILE A 64 7.54 -2.64 7.79
C ILE A 64 8.30 -2.64 6.48
N THR A 65 9.55 -3.11 6.44
CA THR A 65 10.17 -3.33 5.13
C THR A 65 9.56 -4.47 4.26
N PHE A 66 9.60 -5.73 4.73
CA PHE A 66 8.94 -6.84 4.03
C PHE A 66 7.42 -6.60 4.01
N MET A 67 6.95 -5.82 4.98
CA MET A 67 5.57 -5.35 5.06
C MET A 67 5.19 -4.79 3.69
N GLY A 68 5.93 -3.79 3.23
CA GLY A 68 5.70 -3.26 1.90
C GLY A 68 5.29 -4.34 0.91
N ILE A 69 6.27 -5.14 0.50
CA ILE A 69 6.09 -6.23 -0.43
C ILE A 69 4.67 -6.84 -0.33
N MET A 70 4.28 -7.21 0.91
CA MET A 70 3.01 -7.90 1.15
C MET A 70 1.84 -7.01 0.82
N ALA A 71 1.68 -5.89 1.54
CA ALA A 71 0.60 -4.97 1.26
C ALA A 71 0.69 -4.43 -0.21
N ALA A 72 1.52 -5.09 -1.02
CA ALA A 72 1.64 -4.85 -2.47
C ALA A 72 0.73 -5.77 -3.32
N LEU A 73 -0.04 -6.60 -2.63
CA LEU A 73 -1.09 -7.40 -3.26
C LEU A 73 -2.38 -6.65 -3.38
N ASN A 74 -2.52 -5.59 -2.61
CA ASN A 74 -3.68 -4.71 -2.67
C ASN A 74 -4.23 -4.46 -4.10
N PRO A 75 -3.33 -4.35 -5.11
CA PRO A 75 -3.77 -4.36 -6.52
C PRO A 75 -4.38 -5.72 -6.83
N MET A 76 -3.53 -6.67 -7.21
CA MET A 76 -3.95 -8.05 -7.47
C MET A 76 -5.40 -8.24 -7.04
N ILE A 77 -5.60 -8.50 -5.75
CA ILE A 77 -6.88 -8.98 -5.22
C ILE A 77 -8.04 -7.96 -5.25
N ALA A 78 -7.73 -6.67 -5.31
CA ALA A 78 -8.78 -5.70 -5.60
C ALA A 78 -9.07 -5.71 -7.11
N GLN A 79 -8.00 -5.79 -7.91
CA GLN A 79 -8.06 -5.72 -9.38
C GLN A 79 -8.73 -6.94 -10.02
N LEU A 80 -8.70 -8.05 -9.30
CA LEU A 80 -9.33 -9.27 -9.75
C LEU A 80 -10.61 -9.49 -8.94
N TYR A 81 -11.06 -8.42 -8.30
CA TYR A 81 -12.44 -8.29 -7.85
C TYR A 81 -12.99 -7.34 -8.91
N GLY A 82 -12.36 -7.43 -10.09
CA GLY A 82 -12.93 -7.03 -11.36
C GLY A 82 -13.15 -8.21 -12.30
N ALA A 83 -12.52 -9.37 -12.01
CA ALA A 83 -12.84 -10.66 -12.67
C ALA A 83 -13.87 -11.44 -11.82
N GLY A 84 -13.60 -12.71 -11.44
CA GLY A 84 -14.58 -13.53 -10.67
C GLY A 84 -14.19 -14.53 -9.57
N LYS A 85 -13.19 -15.36 -9.85
CA LYS A 85 -12.75 -16.43 -8.94
C LYS A 85 -11.84 -15.84 -7.88
N THR A 86 -12.38 -15.69 -6.68
CA THR A 86 -11.57 -15.21 -5.54
C THR A 86 -10.57 -16.29 -5.08
N GLY A 87 -10.62 -17.44 -5.76
CA GLY A 87 -9.72 -18.57 -5.50
C GLY A 87 -8.59 -18.71 -6.52
N GLU A 88 -8.75 -18.04 -7.66
CA GLU A 88 -7.61 -17.77 -8.54
C GLU A 88 -7.03 -16.45 -8.10
N ALA A 89 -7.90 -15.46 -7.87
CA ALA A 89 -7.50 -14.27 -7.13
C ALA A 89 -6.89 -14.72 -5.80
N GLY A 90 -7.40 -15.84 -5.29
CA GLY A 90 -6.95 -16.41 -4.04
C GLY A 90 -5.82 -17.42 -4.15
N GLU A 91 -5.63 -18.04 -5.32
CA GLU A 91 -4.45 -18.93 -5.51
C GLU A 91 -3.19 -18.08 -5.67
N THR A 92 -3.41 -16.78 -5.77
CA THR A 92 -2.43 -15.77 -5.45
C THR A 92 -2.40 -15.73 -3.93
N GLY A 93 -3.46 -15.14 -3.36
CA GLY A 93 -3.72 -15.04 -1.90
C GLY A 93 -3.05 -16.16 -1.17
N ARG A 94 -3.43 -17.39 -1.48
CA ARG A 94 -2.64 -18.55 -1.10
C ARG A 94 -1.14 -18.47 -1.49
N GLN A 95 -0.81 -18.23 -2.78
CA GLN A 95 0.60 -18.25 -3.21
C GLN A 95 1.42 -17.13 -2.50
N GLY A 96 0.72 -16.04 -2.20
CA GLY A 96 1.28 -14.97 -1.36
C GLY A 96 1.29 -15.35 0.11
N ILE A 97 0.20 -15.93 0.62
CA ILE A 97 0.21 -16.44 1.99
C ILE A 97 1.31 -17.47 2.11
N TRP A 98 1.74 -17.99 0.95
CA TRP A 98 2.96 -18.76 0.82
C TRP A 98 4.17 -17.86 0.85
N PHE A 99 4.10 -16.73 0.13
CA PHE A 99 5.05 -15.65 0.32
C PHE A 99 5.05 -15.21 1.81
N GLY A 100 3.90 -14.70 2.28
CA GLY A 100 3.68 -14.27 3.68
C GLY A 100 3.84 -15.31 4.78
N LEU A 101 4.96 -16.03 4.69
CA LEU A 101 5.19 -17.25 5.43
C LEU A 101 6.44 -17.85 4.82
N ILE A 102 6.72 -17.43 3.59
CA ILE A 102 7.98 -17.78 2.96
C ILE A 102 8.99 -16.64 3.18
N LEU A 103 8.62 -15.42 2.80
CA LEU A 103 9.44 -14.27 3.11
C LEU A 103 9.30 -14.07 4.62
N GLY A 104 8.13 -14.47 5.13
CA GLY A 104 7.87 -14.48 6.57
C GLY A 104 8.91 -15.24 7.37
N ILE A 105 9.45 -16.30 6.78
CA ILE A 105 10.52 -16.98 7.46
C ILE A 105 11.89 -16.38 7.11
N PHE A 106 11.91 -15.18 6.54
CA PHE A 106 13.20 -14.54 6.41
C PHE A 106 13.33 -13.42 7.39
N GLY A 107 12.23 -12.74 7.70
CA GLY A 107 12.22 -11.84 8.86
C GLY A 107 12.70 -12.78 9.95
N MET A 108 11.82 -13.74 10.22
CA MET A 108 12.11 -14.89 11.05
C MET A 108 13.53 -15.45 10.99
N ILE A 109 14.31 -15.11 9.95
CA ILE A 109 15.66 -15.67 9.75
C ILE A 109 16.76 -14.61 9.70
N LEU A 110 16.48 -13.50 9.04
CA LEU A 110 17.43 -12.40 8.96
C LEU A 110 17.41 -11.75 10.33
N MET A 111 16.44 -12.16 11.15
CA MET A 111 16.40 -11.71 12.51
C MET A 111 17.42 -12.44 13.36
N TRP A 112 17.55 -13.75 13.16
CA TRP A 112 18.57 -14.57 13.87
C TRP A 112 19.91 -13.94 13.71
N ALA A 113 20.39 -13.89 12.46
CA ALA A 113 21.63 -13.18 12.11
C ALA A 113 21.66 -11.83 12.83
N ALA A 114 20.54 -11.11 12.73
CA ALA A 114 20.38 -9.75 13.20
C ALA A 114 21.09 -9.50 14.51
N ILE A 115 20.67 -10.26 15.52
CA ILE A 115 21.14 -10.14 16.90
C ILE A 115 22.69 -10.05 17.07
N THR A 116 23.24 -8.91 16.67
CA THR A 116 24.61 -8.54 16.95
C THR A 116 24.75 -7.02 16.93
N PRO A 117 23.75 -6.26 17.42
CA PRO A 117 24.09 -4.93 17.90
C PRO A 117 25.25 -4.87 18.93
N PHE A 118 26.00 -5.98 19.05
CA PHE A 118 27.32 -6.03 19.70
C PHE A 118 28.34 -5.33 18.80
N ARG A 119 28.15 -4.03 18.63
CA ARG A 119 28.95 -3.23 17.70
C ARG A 119 28.88 -1.75 18.10
N ASN A 120 29.85 -0.96 17.63
CA ASN A 120 30.04 0.48 17.99
C ASN A 120 30.79 1.39 16.99
N TRP A 121 30.39 2.68 16.96
CA TRP A 121 31.22 3.77 16.42
C TRP A 121 30.90 5.10 17.06
N LEU A 122 29.60 5.43 17.19
CA LEU A 122 29.19 6.70 17.81
C LEU A 122 28.22 6.49 19.00
N THR A 123 27.79 7.60 19.61
CA THR A 123 27.14 7.69 20.94
C THR A 123 25.99 6.72 21.30
N LEU A 124 25.65 6.69 22.59
CA LEU A 124 24.49 5.96 23.16
C LEU A 124 23.15 6.34 22.48
N SER A 125 22.21 5.39 22.49
CA SER A 125 21.01 5.38 21.63
C SER A 125 21.33 4.62 20.33
N ASP A 126 22.57 4.14 20.23
CA ASP A 126 23.03 3.25 19.14
C ASP A 126 24.49 2.76 19.39
N TYR A 127 24.73 2.04 20.50
CA TYR A 127 25.99 1.30 20.76
C TYR A 127 26.20 0.59 22.14
N VAL A 128 25.78 1.25 23.23
CA VAL A 128 26.37 1.12 24.59
C VAL A 128 26.14 -0.17 25.41
N GLU A 129 25.02 -0.87 25.21
CA GLU A 129 24.81 -2.25 25.68
C GLU A 129 25.49 -2.68 27.01
N GLY A 130 24.72 -3.26 27.92
CA GLY A 130 25.33 -3.93 29.08
C GLY A 130 24.64 -5.26 29.41
N THR A 131 23.50 -5.11 30.07
CA THR A 131 22.53 -6.16 30.14
C THR A 131 21.58 -5.90 28.95
N MET A 132 21.59 -6.82 27.99
CA MET A 132 20.53 -6.84 26.98
C MET A 132 19.59 -8.07 27.12
N ALA A 133 18.42 -7.83 27.70
CA ALA A 133 17.28 -8.70 27.56
C ALA A 133 16.55 -8.22 26.29
N GLN A 134 17.30 -7.52 25.42
CA GLN A 134 16.84 -7.18 24.07
C GLN A 134 17.30 -8.32 23.19
N TYR A 135 18.48 -8.85 23.52
CA TYR A 135 18.86 -10.27 23.38
C TYR A 135 17.71 -11.17 22.90
N MET A 136 16.55 -11.01 23.57
CA MET A 136 15.39 -11.93 23.50
C MET A 136 14.11 -11.29 23.00
N LEU A 137 14.03 -9.97 22.96
CA LEU A 137 12.93 -9.36 22.22
C LEU A 137 13.30 -9.49 20.72
N PHE A 138 14.60 -9.70 20.51
CA PHE A 138 15.18 -10.09 19.23
C PHE A 138 14.69 -11.48 18.78
N THR A 139 14.37 -12.34 19.71
CA THR A 139 14.01 -13.67 19.29
C THR A 139 12.54 -13.93 19.64
N SER A 140 12.25 -13.95 20.95
CA SER A 140 10.89 -14.17 21.47
C SER A 140 9.91 -13.30 20.63
N LEU A 141 10.40 -12.18 20.07
CA LEU A 141 9.61 -11.27 19.23
C LEU A 141 10.20 -11.09 17.82
N ALA A 142 10.92 -12.09 17.34
CA ALA A 142 11.40 -12.11 15.95
C ALA A 142 11.39 -13.55 15.42
N MET A 143 11.13 -14.45 16.34
CA MET A 143 10.60 -15.74 15.96
C MET A 143 9.12 -15.65 15.40
N PRO A 144 8.37 -14.56 15.68
CA PRO A 144 7.10 -14.30 14.96
C PRO A 144 7.11 -13.92 13.47
N ALA A 145 8.04 -13.07 13.00
CA ALA A 145 7.94 -12.42 11.62
C ALA A 145 7.49 -13.32 10.47
N ALA A 146 7.32 -14.61 10.75
CA ALA A 146 6.63 -15.50 9.83
C ALA A 146 5.13 -15.30 9.98
N MET A 147 4.54 -15.65 11.13
CA MET A 147 3.05 -15.58 11.26
C MET A 147 2.47 -14.15 11.16
N VAL A 148 3.34 -13.21 10.83
CA VAL A 148 3.06 -11.78 10.98
C VAL A 148 2.94 -11.11 9.60
N HIS A 149 3.40 -11.87 8.62
CA HIS A 149 3.21 -11.61 7.22
C HIS A 149 1.95 -12.23 6.74
N ARG A 150 1.67 -13.45 7.21
CA ARG A 150 0.37 -14.00 6.99
C ARG A 150 -0.64 -13.06 7.69
N ALA A 151 -0.42 -12.77 8.98
CA ALA A 151 -1.32 -11.88 9.78
C ALA A 151 -1.59 -10.47 9.21
N LEU A 152 -0.94 -10.23 8.06
CA LEU A 152 -1.03 -9.02 7.18
C LEU A 152 -1.50 -9.38 5.76
N HIS A 153 -1.08 -10.54 5.29
CA HIS A 153 -1.61 -11.07 4.06
C HIS A 153 -3.10 -11.18 4.22
N ALA A 154 -3.54 -11.20 5.48
CA ALA A 154 -4.95 -11.03 5.86
C ALA A 154 -5.61 -9.80 5.20
N TYR A 155 -5.24 -8.59 5.63
CA TYR A 155 -5.85 -7.35 5.09
C TYR A 155 -5.38 -7.02 3.66
N ALA A 156 -4.31 -7.68 3.24
CA ALA A 156 -3.95 -7.75 1.84
C ALA A 156 -4.95 -8.65 1.07
N SER A 157 -5.90 -9.22 1.80
CA SER A 157 -7.10 -9.83 1.21
C SER A 157 -8.36 -9.25 1.86
N SER A 158 -8.26 -8.00 2.29
CA SER A 158 -9.42 -7.22 2.69
C SER A 158 -9.51 -6.13 1.68
N LEU A 159 -9.26 -6.52 0.43
CA LEU A 159 -9.29 -5.60 -0.70
C LEU A 159 -10.52 -5.90 -1.53
N ASN A 160 -11.67 -5.58 -0.93
CA ASN A 160 -12.99 -5.95 -1.43
C ASN A 160 -14.02 -5.97 -0.29
N ARG A 161 -14.42 -4.79 0.19
CA ARG A 161 -15.44 -4.65 1.28
C ARG A 161 -15.32 -5.36 2.69
N PRO A 162 -14.19 -6.08 2.99
CA PRO A 162 -14.04 -6.34 4.42
C PRO A 162 -13.13 -5.38 5.21
N ARG A 163 -13.71 -4.86 6.28
CA ARG A 163 -13.00 -4.36 7.42
C ARG A 163 -13.36 -5.31 8.57
N LEU A 164 -13.13 -6.60 8.32
CA LEU A 164 -13.21 -7.68 9.32
C LEU A 164 -11.91 -7.76 10.09
N ILE A 165 -11.06 -6.77 9.85
CA ILE A 165 -9.80 -6.63 10.55
C ILE A 165 -9.94 -5.62 11.70
N MET A 166 -10.68 -4.53 11.46
CA MET A 166 -10.99 -3.58 12.53
C MET A 166 -11.70 -4.30 13.66
N LEU A 167 -12.50 -5.28 13.27
CA LEU A 167 -13.08 -6.24 14.19
C LEU A 167 -11.99 -6.84 15.06
N VAL A 168 -11.10 -7.60 14.43
CA VAL A 168 -10.09 -8.39 15.14
C VAL A 168 -8.95 -7.55 15.74
N SER A 169 -8.20 -6.85 14.89
CA SER A 169 -7.05 -6.06 15.35
C SER A 169 -7.46 -4.98 16.36
N PHE A 170 -8.47 -5.30 17.16
CA PHE A 170 -8.83 -4.53 18.34
C PHE A 170 -9.11 -5.53 19.49
N ALA A 171 -9.99 -6.49 19.23
CA ALA A 171 -10.13 -7.67 20.07
C ALA A 171 -8.86 -8.53 19.94
N ALA A 172 -7.81 -7.88 19.41
CA ALA A 172 -6.46 -8.43 19.29
C ALA A 172 -5.53 -7.69 20.25
N PHE A 173 -5.44 -6.37 20.11
CA PHE A 173 -4.69 -5.50 21.04
C PHE A 173 -5.07 -5.76 22.50
N VAL A 174 -6.37 -5.86 22.72
CA VAL A 174 -6.93 -5.99 24.04
C VAL A 174 -6.57 -7.34 24.68
N LEU A 175 -6.42 -8.37 23.85
CA LEU A 175 -5.94 -9.69 24.27
C LEU A 175 -4.51 -9.61 24.77
N ASN A 176 -3.73 -8.76 24.09
CA ASN A 176 -2.30 -8.56 24.39
C ASN A 176 -2.04 -7.87 25.72
N VAL A 177 -2.65 -6.72 25.93
CA VAL A 177 -2.47 -5.99 27.17
C VAL A 177 -2.45 -6.94 28.38
N PRO A 178 -3.59 -7.63 28.68
CA PRO A 178 -3.62 -8.80 29.56
C PRO A 178 -2.38 -9.68 29.41
N LEU A 179 -2.37 -10.56 28.41
CA LEU A 179 -1.16 -11.31 28.03
C LEU A 179 0.18 -10.58 28.26
N ASN A 180 0.37 -9.42 27.64
CA ASN A 180 1.63 -8.68 27.71
C ASN A 180 2.32 -8.74 29.06
N TYR A 181 1.57 -8.45 30.12
CA TYR A 181 2.23 -8.28 31.40
C TYR A 181 2.48 -9.62 32.05
N ILE A 182 1.62 -10.60 31.75
CA ILE A 182 1.77 -11.94 32.29
C ILE A 182 3.21 -12.38 32.13
N PHE A 183 3.85 -11.96 31.05
CA PHE A 183 5.22 -12.41 30.78
C PHE A 183 6.32 -11.51 31.27
N VAL A 184 6.01 -10.23 31.52
CA VAL A 184 7.02 -9.37 32.09
C VAL A 184 7.24 -9.70 33.56
N TYR A 185 6.13 -9.88 34.27
CA TYR A 185 6.07 -10.81 35.39
C TYR A 185 4.61 -11.09 35.62
N GLY A 186 4.26 -12.37 35.68
CA GLY A 186 2.85 -12.70 35.70
C GLY A 186 2.40 -13.77 36.66
N LYS A 187 1.33 -14.44 36.26
CA LYS A 187 0.64 -15.44 37.04
C LYS A 187 1.30 -16.80 36.86
N PHE A 188 0.45 -17.82 36.93
CA PHE A 188 0.76 -19.20 36.52
C PHE A 188 1.69 -19.13 35.28
N GLY A 189 1.46 -18.14 34.40
CA GLY A 189 2.24 -17.88 33.18
C GLY A 189 3.74 -17.96 33.41
N MET A 190 4.51 -18.01 32.33
CA MET A 190 5.99 -18.15 32.34
C MET A 190 6.72 -16.96 33.03
N PRO A 191 6.36 -16.69 34.29
CA PRO A 191 6.25 -15.30 34.78
C PRO A 191 7.52 -14.43 34.80
N ALA A 192 8.67 -14.97 34.40
CA ALA A 192 9.94 -14.25 34.62
C ALA A 192 10.43 -13.34 33.52
N LEU A 193 10.85 -13.87 32.35
CA LEU A 193 11.59 -13.04 31.38
C LEU A 193 10.70 -11.88 30.95
N GLY A 194 11.08 -10.67 31.40
CA GLY A 194 10.18 -9.53 31.39
C GLY A 194 10.42 -8.49 30.32
N GLY A 195 11.68 -8.32 29.98
CA GLY A 195 12.03 -7.30 29.02
C GLY A 195 12.37 -7.98 27.74
N ALA A 196 11.40 -8.69 27.19
CA ALA A 196 11.55 -9.47 25.96
C ALA A 196 10.30 -10.29 25.92
N GLY A 197 9.72 -10.37 27.13
CA GLY A 197 8.53 -11.12 27.43
C GLY A 197 7.34 -10.19 27.37
N CYS A 198 7.63 -8.91 27.15
CA CYS A 198 6.63 -8.01 26.65
C CYS A 198 6.55 -8.33 25.18
N GLY A 199 7.63 -8.92 24.65
CA GLY A 199 7.78 -9.27 23.22
C GLY A 199 7.25 -10.64 22.79
N VAL A 200 7.57 -11.65 23.57
CA VAL A 200 6.82 -12.89 23.47
C VAL A 200 5.33 -12.61 23.69
N ALA A 201 4.98 -11.49 24.29
CA ALA A 201 3.58 -11.17 24.48
C ALA A 201 3.04 -10.63 23.17
N THR A 202 3.73 -9.60 22.68
CA THR A 202 3.34 -8.93 21.45
C THR A 202 3.25 -9.96 20.33
N MET A 203 4.37 -10.65 20.11
CA MET A 203 4.47 -11.66 19.09
C MET A 203 3.50 -12.82 19.32
N ALA A 204 3.15 -13.09 20.57
CA ALA A 204 2.14 -14.09 20.84
C ALA A 204 0.87 -13.75 20.05
N VAL A 205 0.47 -12.48 20.12
CA VAL A 205 -0.80 -12.03 19.59
C VAL A 205 -0.80 -11.94 18.05
N PHE A 206 0.39 -11.85 17.46
CA PHE A 206 0.57 -11.97 16.01
C PHE A 206 0.01 -13.28 15.47
N TRP A 207 0.33 -14.36 16.16
CA TRP A 207 -0.11 -15.71 15.83
C TRP A 207 -1.56 -15.90 16.15
N PHE A 208 -2.13 -15.00 16.94
CA PHE A 208 -3.53 -15.05 17.31
C PHE A 208 -4.34 -14.32 16.25
N SER A 209 -3.80 -13.19 15.81
CA SER A 209 -4.43 -12.43 14.75
C SER A 209 -4.06 -13.08 13.41
N ALA A 210 -3.00 -13.90 13.45
CA ALA A 210 -2.59 -14.71 12.30
C ALA A 210 -3.71 -15.66 11.93
N LEU A 211 -4.43 -16.13 12.95
CA LEU A 211 -5.58 -17.01 12.75
C LEU A 211 -6.90 -16.27 12.93
N ALA A 212 -6.86 -14.96 12.78
CA ALA A 212 -8.07 -14.19 12.51
C ALA A 212 -8.19 -13.96 10.96
N LEU A 213 -7.33 -14.69 10.25
CA LEU A 213 -7.51 -14.95 8.83
C LEU A 213 -8.35 -16.20 8.82
N TRP A 214 -7.84 -17.25 9.46
CA TRP A 214 -8.57 -18.47 9.45
C TRP A 214 -10.01 -18.27 9.73
N ILE A 215 -10.32 -17.78 10.93
CA ILE A 215 -11.73 -17.57 11.33
C ILE A 215 -12.51 -16.50 10.54
N TYR A 216 -11.93 -15.98 9.46
CA TYR A 216 -12.75 -15.24 8.53
C TYR A 216 -12.76 -15.77 7.11
N ILE A 217 -12.71 -17.10 7.06
CA ILE A 217 -13.39 -17.88 6.04
C ILE A 217 -14.70 -18.24 6.76
N ALA A 218 -15.62 -17.27 6.82
CA ALA A 218 -16.75 -17.35 7.75
C ALA A 218 -18.04 -16.65 7.32
N LYS A 219 -17.99 -15.35 7.01
CA LYS A 219 -19.23 -14.56 6.87
C LYS A 219 -19.90 -14.51 5.49
N GLU A 220 -19.41 -15.33 4.54
CA GLU A 220 -19.99 -15.43 3.19
C GLU A 220 -19.20 -16.45 2.32
N LYS A 221 -19.01 -16.18 1.04
CA LYS A 221 -18.25 -17.09 0.18
C LYS A 221 -16.74 -16.93 0.40
N PHE A 222 -16.03 -18.02 0.14
CA PHE A 222 -14.62 -18.23 0.51
C PHE A 222 -13.61 -17.16 0.06
N PHE A 223 -12.51 -17.07 0.81
CA PHE A 223 -11.18 -16.72 0.26
C PHE A 223 -10.19 -17.83 0.71
N ARG A 224 -10.72 -19.03 0.92
CA ARG A 224 -9.89 -20.18 1.28
C ARG A 224 -9.67 -21.10 0.06
N PRO A 225 -8.52 -20.96 -0.63
CA PRO A 225 -7.98 -22.06 -1.42
C PRO A 225 -6.61 -22.46 -0.87
N PHE A 226 -6.56 -22.83 0.42
CA PHE A 226 -5.35 -23.31 1.08
C PHE A 226 -5.17 -24.81 0.79
N GLY A 227 -5.10 -25.13 -0.49
CA GLY A 227 -4.50 -26.37 -0.91
C GLY A 227 -3.00 -26.10 -0.87
N LEU A 228 -2.19 -27.15 -1.02
CA LEU A 228 -0.73 -26.99 -1.04
C LEU A 228 -0.37 -25.76 -1.91
N THR A 229 -0.12 -24.67 -1.17
CA THR A 229 0.33 -23.36 -1.64
C THR A 229 1.57 -23.45 -2.57
N ALA A 230 1.82 -24.66 -3.08
CA ALA A 230 3.00 -25.03 -3.87
C ALA A 230 3.10 -24.22 -5.14
N LYS A 231 4.31 -24.17 -5.72
CA LYS A 231 4.54 -23.47 -7.00
C LYS A 231 5.12 -24.36 -8.13
N PHE A 232 6.24 -23.92 -8.72
CA PHE A 232 6.81 -24.48 -9.98
C PHE A 232 5.91 -24.35 -11.23
N GLY A 233 6.43 -23.63 -12.23
CA GLY A 233 5.71 -23.34 -13.46
C GLY A 233 6.65 -23.16 -14.63
N LYS A 234 7.50 -22.14 -14.55
CA LYS A 234 8.61 -21.92 -15.50
C LYS A 234 9.92 -22.30 -14.78
N PRO A 235 11.01 -21.50 -14.91
CA PRO A 235 12.08 -21.68 -13.91
C PRO A 235 11.62 -21.58 -12.43
N ASP A 236 10.76 -20.61 -12.12
CA ASP A 236 10.13 -20.44 -10.80
C ASP A 236 8.72 -19.84 -10.92
N TRP A 237 7.73 -20.54 -10.37
CA TRP A 237 6.31 -20.18 -10.56
C TRP A 237 5.92 -18.86 -9.98
N ALA A 238 5.46 -17.99 -10.86
CA ALA A 238 4.93 -16.69 -10.50
C ALA A 238 3.53 -16.81 -9.90
N VAL A 239 2.66 -15.86 -10.25
CA VAL A 239 1.54 -15.42 -9.39
C VAL A 239 2.14 -15.25 -8.00
N PHE A 240 3.46 -15.01 -8.01
CA PHE A 240 4.37 -15.21 -6.89
C PHE A 240 5.68 -14.54 -7.30
N LYS A 241 6.11 -14.83 -8.53
CA LYS A 241 7.19 -14.10 -9.15
C LYS A 241 6.58 -12.82 -9.74
N GLN A 242 5.25 -12.82 -9.87
CA GLN A 242 4.53 -11.60 -10.22
C GLN A 242 4.50 -10.68 -9.01
N ILE A 243 4.13 -11.22 -7.85
CA ILE A 243 4.23 -10.49 -6.60
C ILE A 243 5.60 -9.80 -6.54
N TRP A 244 6.58 -10.31 -7.29
CA TRP A 244 7.93 -9.76 -7.16
C TRP A 244 8.04 -8.31 -7.54
N LYS A 245 7.74 -7.92 -8.78
CA LYS A 245 7.96 -6.51 -9.14
C LYS A 245 6.84 -5.56 -8.71
N ILE A 246 6.00 -6.07 -7.81
CA ILE A 246 5.23 -5.18 -6.98
C ILE A 246 5.90 -5.08 -5.58
N GLY A 247 6.37 -6.21 -5.06
CA GLY A 247 7.13 -6.21 -3.81
C GLY A 247 8.31 -5.26 -3.88
N ALA A 248 9.39 -5.69 -4.56
CA ALA A 248 10.63 -4.90 -4.72
C ALA A 248 10.35 -3.40 -4.60
N PRO A 249 9.63 -2.85 -5.58
CA PRO A 249 9.55 -1.41 -5.63
C PRO A 249 8.96 -0.81 -4.38
N ILE A 250 8.46 -1.63 -3.48
CA ILE A 250 7.70 -1.06 -2.39
C ILE A 250 8.42 -1.01 -1.06
N GLY A 251 8.83 -2.17 -0.55
CA GLY A 251 9.62 -2.18 0.69
C GLY A 251 10.85 -1.30 0.49
N LEU A 252 11.49 -1.46 -0.67
CA LEU A 252 12.68 -0.70 -1.05
C LEU A 252 12.36 0.78 -1.17
N SER A 253 11.08 1.05 -1.40
CA SER A 253 10.53 2.40 -1.31
C SER A 253 9.75 2.64 0.01
N TYR A 254 9.85 1.70 0.94
CA TYR A 254 9.46 1.95 2.34
C TYR A 254 10.74 2.27 3.11
N PHE A 255 11.84 1.81 2.52
CA PHE A 255 13.20 2.16 2.91
C PHE A 255 13.47 3.61 2.49
N LEU A 256 12.39 4.37 2.32
CA LEU A 256 12.45 5.82 2.35
C LEU A 256 12.60 6.11 3.82
N GLU A 257 11.47 6.18 4.53
CA GLU A 257 11.55 6.48 5.95
C GLU A 257 12.24 5.34 6.73
N ALA A 258 12.96 4.49 5.99
CA ALA A 258 13.89 3.52 6.58
C ALA A 258 15.32 4.11 6.67
N SER A 259 15.55 5.19 5.92
CA SER A 259 16.71 6.02 6.12
C SER A 259 16.34 7.40 6.72
N ALA A 260 15.08 7.82 6.59
CA ALA A 260 14.56 8.96 7.36
C ALA A 260 14.24 8.45 8.75
N PHE A 261 15.15 7.56 9.18
CA PHE A 261 15.06 6.57 10.27
C PHE A 261 16.46 6.66 10.88
N SER A 262 17.45 6.83 10.00
CA SER A 262 18.84 7.08 10.35
C SER A 262 19.29 8.46 9.83
N PHE A 263 18.28 9.28 9.51
CA PHE A 263 18.42 10.71 9.31
C PHE A 263 17.97 11.30 10.66
N ILE A 264 16.81 10.82 11.10
CA ILE A 264 16.14 11.29 12.32
C ILE A 264 16.94 10.96 13.59
N VAL A 265 17.70 9.86 13.54
CA VAL A 265 18.58 9.43 14.65
C VAL A 265 20.08 9.54 14.26
N PHE A 266 20.43 10.66 13.63
CA PHE A 266 21.84 11.03 13.46
C PHE A 266 22.02 12.54 13.63
N LEU A 267 20.90 13.20 13.95
CA LEU A 267 20.93 14.56 14.49
C LEU A 267 20.23 14.62 15.85
N ILE A 268 20.69 13.76 16.75
CA ILE A 268 20.55 13.92 18.20
C ILE A 268 21.95 13.74 18.80
N ALA A 269 22.88 13.22 17.98
CA ALA A 269 24.23 12.85 18.40
C ALA A 269 25.39 13.72 17.86
N PRO A 270 25.10 14.98 17.47
CA PRO A 270 26.17 15.95 17.63
C PRO A 270 25.95 16.62 18.98
N PHE A 271 26.49 17.82 19.17
CA PHE A 271 26.14 18.64 20.35
C PHE A 271 24.63 18.98 20.32
N GLY A 272 23.87 18.24 19.51
CA GLY A 272 22.43 18.34 19.48
C GLY A 272 21.77 17.82 20.74
N GLU A 273 22.31 16.74 21.29
CA GLU A 273 21.80 16.05 22.52
C GLU A 273 20.38 16.38 23.00
N ASP A 274 20.23 17.43 23.84
CA ASP A 274 18.99 17.69 24.60
C ASP A 274 17.69 17.83 23.79
N TYR A 275 17.37 19.04 23.35
CA TYR A 275 16.10 19.31 22.65
C TYR A 275 16.08 18.80 21.20
N VAL A 276 17.20 18.25 20.74
CA VAL A 276 17.32 17.68 19.39
C VAL A 276 17.06 16.16 19.43
N ALA A 277 16.86 15.64 20.64
CA ALA A 277 16.28 14.31 20.83
C ALA A 277 14.86 14.46 21.40
N ALA A 278 14.23 15.57 21.02
CA ALA A 278 12.80 15.80 21.25
C ALA A 278 12.12 16.04 19.90
N GLN A 279 12.95 16.11 18.85
CA GLN A 279 12.54 15.99 17.46
C GLN A 279 12.14 14.53 17.25
N GLN A 280 11.34 14.02 18.18
CA GLN A 280 11.08 12.58 18.33
C GLN A 280 9.93 12.31 19.30
N VAL A 281 9.51 13.34 20.05
CA VAL A 281 8.16 13.37 20.62
C VAL A 281 7.41 14.19 19.59
N GLY A 282 8.17 14.86 18.72
CA GLY A 282 7.63 15.54 17.55
C GLY A 282 7.30 14.56 16.43
N ILE A 283 8.35 13.96 15.86
CA ILE A 283 8.21 13.03 14.71
C ILE A 283 7.68 11.64 15.09
N SER A 284 7.58 11.37 16.40
CA SER A 284 6.74 10.30 16.92
C SER A 284 5.29 10.68 16.72
N LEU A 285 4.98 11.96 16.96
CA LEU A 285 3.63 12.45 16.79
C LEU A 285 3.33 12.82 15.31
N SER A 286 4.35 12.64 14.45
CA SER A 286 4.14 12.56 12.99
C SER A 286 3.40 11.25 12.65
N GLY A 287 4.13 10.14 12.67
CA GLY A 287 3.56 8.81 12.52
C GLY A 287 2.21 8.62 13.21
N ILE A 288 2.08 9.01 14.48
CA ILE A 288 0.89 8.67 15.33
C ILE A 288 -0.46 9.01 14.69
N LEU A 289 -0.67 10.28 14.39
CA LEU A 289 -1.76 10.66 13.51
C LEU A 289 -1.13 11.37 12.33
N TYR A 290 -0.49 10.52 11.52
CA TYR A 290 -0.18 10.74 10.13
C TYR A 290 -0.68 9.44 9.45
N MET A 291 -0.73 8.39 10.27
CA MET A 291 -1.11 7.04 9.89
C MET A 291 -2.54 6.90 9.37
N ILE A 292 -3.50 7.50 10.08
CA ILE A 292 -4.90 7.49 9.63
C ILE A 292 -5.11 8.40 8.41
N PRO A 293 -4.46 9.60 8.40
CA PRO A 293 -4.17 10.27 7.15
C PRO A 293 -3.52 9.35 6.11
N GLN A 294 -2.24 9.57 5.78
CA GLN A 294 -1.45 8.68 4.89
C GLN A 294 -2.22 7.48 4.30
N SER A 295 -2.58 6.55 5.18
CA SER A 295 -3.07 5.23 4.82
C SER A 295 -4.57 5.21 4.51
N VAL A 296 -5.15 6.38 4.24
CA VAL A 296 -6.51 6.46 3.69
C VAL A 296 -6.49 5.92 2.26
N GLY A 297 -5.37 6.21 1.57
CA GLY A 297 -5.09 5.81 0.18
C GLY A 297 -4.42 4.45 -0.02
N SER A 298 -3.54 4.08 0.91
CA SER A 298 -3.08 2.69 1.03
C SER A 298 -4.32 1.80 1.39
N ALA A 299 -5.50 2.45 1.45
CA ALA A 299 -6.79 1.77 1.54
C ALA A 299 -7.68 2.22 0.39
N GLY A 300 -7.37 3.37 -0.20
CA GLY A 300 -8.01 3.78 -1.44
C GLY A 300 -7.49 2.98 -2.62
N THR A 301 -6.24 2.53 -2.53
CA THR A 301 -5.59 1.63 -3.52
C THR A 301 -6.49 0.46 -3.99
N VAL A 302 -7.44 0.10 -3.12
CA VAL A 302 -8.53 -0.79 -3.48
C VAL A 302 -9.30 -0.04 -4.54
N ARG A 303 -10.15 0.87 -4.07
CA ARG A 303 -11.16 1.51 -4.90
C ARG A 303 -10.70 1.91 -6.30
N ILE A 304 -9.38 1.90 -6.51
CA ILE A 304 -8.81 2.29 -7.80
C ILE A 304 -8.41 1.09 -8.69
N GLY A 305 -7.39 0.32 -8.27
CA GLY A 305 -6.98 -0.89 -8.98
C GLY A 305 -8.10 -1.93 -9.10
N PHE A 306 -9.04 -1.87 -8.14
CA PHE A 306 -10.24 -2.72 -8.09
C PHE A 306 -11.17 -2.35 -9.22
N SER A 307 -11.37 -1.06 -9.34
CA SER A 307 -12.27 -0.52 -10.31
C SER A 307 -11.56 -0.25 -11.64
N LEU A 308 -10.47 -0.96 -11.91
CA LEU A 308 -9.94 -1.10 -13.28
C LEU A 308 -10.27 -2.52 -13.78
N GLY A 309 -10.45 -3.43 -12.83
CA GLY A 309 -11.02 -4.74 -13.12
C GLY A 309 -12.39 -4.49 -13.71
N ARG A 310 -13.35 -4.10 -12.85
CA ARG A 310 -14.60 -3.49 -13.33
C ARG A 310 -14.18 -2.26 -14.11
N ARG A 311 -14.11 -2.44 -15.43
CA ARG A 311 -13.25 -1.69 -16.36
C ARG A 311 -13.49 -0.16 -16.46
N GLU A 312 -14.00 0.43 -15.38
CA GLU A 312 -14.25 1.87 -15.27
C GLU A 312 -12.96 2.71 -15.23
N PHE A 313 -12.25 2.77 -16.36
CA PHE A 313 -10.97 3.48 -16.47
C PHE A 313 -11.14 4.97 -16.19
N SER A 314 -10.63 5.39 -15.04
CA SER A 314 -10.71 6.79 -14.60
C SER A 314 -12.10 7.25 -14.11
N ARG A 315 -13.13 6.43 -14.30
CA ARG A 315 -14.31 6.54 -13.45
C ARG A 315 -13.82 6.02 -12.11
N ALA A 316 -12.49 5.99 -12.02
CA ALA A 316 -11.70 5.48 -10.92
C ALA A 316 -10.43 6.35 -10.74
N ARG A 317 -9.62 6.43 -11.78
CA ARG A 317 -8.42 7.26 -11.74
C ARG A 317 -8.76 8.75 -11.87
N TYR A 318 -10.06 9.03 -11.89
CA TYR A 318 -10.58 10.36 -11.62
C TYR A 318 -11.56 10.29 -10.45
N ILE A 319 -11.31 9.33 -9.55
CA ILE A 319 -11.64 9.43 -8.09
C ILE A 319 -10.33 9.33 -7.30
N SER A 320 -9.35 8.67 -7.89
CA SER A 320 -7.93 8.87 -7.54
C SER A 320 -7.59 10.39 -7.49
N GLY A 321 -8.59 11.22 -7.77
CA GLY A 321 -8.52 12.63 -7.48
C GLY A 321 -9.24 12.88 -6.18
N VAL A 322 -10.58 12.90 -6.22
CA VAL A 322 -11.42 13.33 -5.09
C VAL A 322 -11.41 12.31 -3.92
N SER A 323 -10.46 11.38 -4.02
CA SER A 323 -10.03 10.60 -2.88
C SER A 323 -8.69 11.16 -2.39
N LEU A 324 -7.81 11.50 -3.34
CA LEU A 324 -6.54 12.21 -3.06
C LEU A 324 -6.73 13.51 -2.24
N VAL A 325 -7.69 14.33 -2.65
CA VAL A 325 -7.88 15.65 -2.07
C VAL A 325 -8.93 15.69 -0.94
N SER A 326 -9.35 14.53 -0.46
CA SER A 326 -10.45 14.43 0.51
C SER A 326 -10.04 14.23 1.97
N GLY A 327 -8.94 13.51 2.17
CA GLY A 327 -8.25 13.51 3.46
C GLY A 327 -7.25 14.64 3.41
N TRP A 328 -6.98 15.06 2.16
CA TRP A 328 -6.23 16.25 1.77
C TRP A 328 -6.99 17.49 2.18
N VAL A 329 -8.29 17.32 2.50
CA VAL A 329 -9.13 18.32 3.20
C VAL A 329 -8.52 18.66 4.56
N LEU A 330 -8.30 17.64 5.39
CA LEU A 330 -7.68 17.75 6.72
C LEU A 330 -6.18 17.45 6.69
N ALA A 331 -5.64 17.24 5.49
CA ALA A 331 -4.18 17.12 5.25
C ALA A 331 -3.52 18.44 5.58
N VAL A 332 -4.27 19.50 5.35
CA VAL A 332 -3.86 20.83 5.74
C VAL A 332 -4.77 21.29 6.90
N ILE A 333 -6.09 21.03 6.80
CA ILE A 333 -7.01 21.41 7.91
C ILE A 333 -6.94 20.49 9.14
N THR A 334 -5.91 19.65 9.18
CA THR A 334 -5.29 19.26 10.46
C THR A 334 -3.78 18.98 10.28
N VAL A 335 -3.12 19.84 9.51
CA VAL A 335 -1.70 20.14 9.68
C VAL A 335 -1.64 21.47 10.45
N LEU A 336 -2.84 22.00 10.71
CA LEU A 336 -3.06 23.19 11.54
C LEU A 336 -2.71 22.94 13.01
N SER A 337 -3.25 21.86 13.57
CA SER A 337 -2.98 21.47 14.95
C SER A 337 -1.70 20.63 15.06
N LEU A 338 -0.73 20.93 14.19
CA LEU A 338 0.58 20.26 14.19
C LEU A 338 1.71 21.29 14.31
N VAL A 339 1.55 22.42 13.61
CA VAL A 339 2.45 23.58 13.79
C VAL A 339 1.95 24.40 14.98
N LEU A 340 0.66 24.27 15.30
CA LEU A 340 0.02 25.02 16.38
C LEU A 340 0.38 24.46 17.78
N PHE A 341 -0.33 23.42 18.21
CA PHE A 341 -0.23 22.89 19.57
C PHE A 341 1.12 22.23 19.88
N ARG A 342 1.23 21.64 21.07
CA ARG A 342 2.52 21.17 21.59
C ARG A 342 2.47 19.77 22.20
N SER A 343 3.55 19.44 22.92
CA SER A 343 3.57 18.35 23.90
C SER A 343 3.41 18.98 25.30
N PRO A 344 2.20 19.51 25.63
CA PRO A 344 2.07 20.34 26.83
C PRO A 344 2.00 19.52 28.12
N LEU A 345 0.99 19.76 28.96
CA LEU A 345 0.65 18.84 30.04
C LEU A 345 -0.36 17.81 29.52
N ALA A 346 -0.49 17.76 28.20
CA ALA A 346 -1.17 16.69 27.47
C ALA A 346 -0.17 15.59 27.06
N SER A 347 1.10 15.81 27.41
CA SER A 347 2.16 14.81 27.29
C SER A 347 2.79 14.58 28.69
N MET A 348 2.94 13.30 29.06
CA MET A 348 3.29 12.89 30.43
C MET A 348 4.73 12.38 30.56
N TYR A 349 5.03 11.26 29.90
CA TYR A 349 6.39 10.72 29.74
C TYR A 349 6.42 9.41 28.91
N ASN A 350 5.48 9.32 27.97
CA ASN A 350 5.12 8.06 27.28
C ASN A 350 6.10 7.52 26.21
N ASP A 351 5.65 7.43 24.95
CA ASP A 351 6.38 6.79 23.82
C ASP A 351 7.88 7.12 23.76
N ASP A 352 8.25 8.32 24.19
CA ASP A 352 9.64 8.71 24.36
C ASP A 352 9.74 9.69 25.53
N PRO A 353 10.22 9.21 26.70
CA PRO A 353 10.20 10.00 27.94
C PRO A 353 11.06 11.28 27.89
N ALA A 354 10.47 12.36 27.37
CA ALA A 354 11.10 13.69 27.30
C ALA A 354 10.05 14.76 27.01
N VAL A 355 9.46 15.32 28.06
CA VAL A 355 8.37 16.29 27.88
C VAL A 355 8.61 17.64 28.58
N LEU A 356 8.50 17.70 29.91
CA LEU A 356 8.55 18.98 30.62
C LEU A 356 9.95 19.63 30.65
N SER A 357 10.10 20.71 29.86
CA SER A 357 11.28 21.63 29.79
C SER A 357 12.15 21.55 28.50
N ILE A 358 11.50 21.39 27.34
CA ILE A 358 12.19 21.42 26.02
C ILE A 358 11.48 22.26 24.92
N ALA A 359 12.27 22.75 23.97
CA ALA A 359 11.86 23.76 22.98
C ALA A 359 10.88 23.24 21.93
N SER A 360 10.10 24.16 21.36
CA SER A 360 9.15 23.85 20.27
C SER A 360 9.76 23.98 18.86
N THR A 361 11.07 23.78 18.77
CA THR A 361 11.77 23.75 17.49
C THR A 361 11.40 22.48 16.72
N VAL A 362 10.22 21.97 17.03
CA VAL A 362 9.75 20.65 16.58
C VAL A 362 8.47 20.72 15.75
N LEU A 363 7.67 21.77 15.96
CA LEU A 363 6.47 21.98 15.15
C LEU A 363 6.81 22.74 13.86
N LEU A 364 8.05 23.22 13.79
CA LEU A 364 8.58 24.02 12.67
C LEU A 364 8.80 23.18 11.42
N PHE A 365 8.43 21.91 11.50
CA PHE A 365 8.42 21.03 10.34
C PHE A 365 7.16 20.20 10.31
N ALA A 366 6.35 20.29 11.37
CA ALA A 366 4.99 19.76 11.34
C ALA A 366 4.07 20.65 10.47
N GLY A 367 4.68 21.29 9.47
CA GLY A 367 3.99 22.00 8.40
C GLY A 367 4.82 21.90 7.14
N LEU A 368 6.14 22.07 7.28
CA LEU A 368 7.14 22.07 6.18
C LEU A 368 6.99 20.96 5.15
N PHE A 369 7.36 19.77 5.60
CA PHE A 369 7.23 18.55 4.83
C PHE A 369 5.80 18.04 4.96
N GLN A 370 5.12 18.44 6.03
CA GLN A 370 3.96 17.70 6.55
C GLN A 370 2.73 17.54 5.63
N PRO A 371 2.00 18.63 5.28
CA PRO A 371 1.01 18.41 4.21
C PRO A 371 1.65 18.30 2.82
N ALA A 372 2.82 18.93 2.65
CA ALA A 372 3.62 18.86 1.41
C ALA A 372 4.12 17.44 1.07
N ASP A 373 3.48 16.46 1.73
CA ASP A 373 3.88 15.06 1.72
C ASP A 373 2.71 14.18 2.14
N PHE A 374 2.02 14.60 3.21
CA PHE A 374 0.76 13.99 3.67
C PHE A 374 0.19 13.07 2.61
N THR A 375 -0.11 13.69 1.48
CA THR A 375 -0.74 13.06 0.35
C THR A 375 0.30 12.48 -0.60
N GLN A 376 1.48 13.09 -0.62
CA GLN A 376 2.51 12.83 -1.64
C GLN A 376 3.05 11.39 -1.69
N CYS A 377 2.48 10.51 -0.88
CA CYS A 377 2.66 9.10 -1.15
C CYS A 377 1.32 8.35 -1.22
N ILE A 378 0.26 8.94 -0.65
CA ILE A 378 -1.13 8.49 -0.97
C ILE A 378 -1.39 8.79 -2.46
N ALA A 379 -0.43 9.51 -3.02
CA ALA A 379 -0.24 9.61 -4.44
C ALA A 379 0.40 8.33 -4.98
N SER A 380 1.10 7.59 -4.14
CA SER A 380 1.60 6.34 -4.63
C SER A 380 0.74 5.14 -4.26
N TYR A 381 0.03 5.19 -3.12
CA TYR A 381 -0.97 4.15 -2.82
C TYR A 381 -2.17 4.35 -3.75
N ALA A 382 -1.84 4.64 -5.02
CA ALA A 382 -2.76 5.12 -6.04
C ALA A 382 -2.06 5.15 -7.39
N LEU A 383 -0.80 4.72 -7.42
CA LEU A 383 0.02 4.67 -8.64
C LEU A 383 0.55 3.29 -8.72
N ARG A 384 1.34 2.96 -7.71
CA ARG A 384 1.47 1.56 -7.40
C ARG A 384 -0.03 1.23 -7.20
N GLY A 385 -0.62 1.85 -6.17
CA GLY A 385 -1.95 1.53 -5.69
C GLY A 385 -2.94 1.20 -6.77
N TYR A 386 -2.92 2.04 -7.80
CA TYR A 386 -3.67 1.73 -8.99
C TYR A 386 -2.86 0.71 -9.78
N LYS A 387 -1.74 1.20 -10.33
CA LYS A 387 -1.07 0.53 -11.42
C LYS A 387 0.08 -0.29 -10.92
N VAL A 388 0.84 -0.81 -11.87
CA VAL A 388 2.16 -1.34 -11.67
C VAL A 388 3.00 -0.20 -11.06
N THR A 389 2.53 1.04 -11.23
CA THR A 389 3.41 2.20 -11.08
C THR A 389 3.89 2.46 -9.65
N LYS A 390 4.58 1.43 -9.17
CA LYS A 390 5.59 1.52 -8.17
C LYS A 390 6.86 1.14 -8.92
N VAL A 391 6.70 0.75 -10.19
CA VAL A 391 7.76 0.13 -11.05
C VAL A 391 9.20 0.70 -10.75
N PRO A 392 9.61 1.81 -11.38
CA PRO A 392 10.33 2.78 -10.54
C PRO A 392 9.45 3.98 -10.09
N MET A 393 8.47 3.68 -9.27
CA MET A 393 8.05 4.66 -8.30
C MET A 393 9.06 4.43 -7.20
N PHE A 394 9.57 3.22 -7.15
CA PHE A 394 10.82 2.94 -6.44
C PHE A 394 11.68 4.19 -6.54
N ILE A 395 11.96 4.59 -7.78
CA ILE A 395 12.75 5.78 -8.04
C ILE A 395 11.91 7.07 -7.97
N HIS A 396 10.74 7.01 -7.34
CA HIS A 396 10.18 8.20 -6.71
C HIS A 396 11.10 8.49 -5.58
N ALA A 397 11.45 7.44 -4.84
CA ALA A 397 12.10 7.56 -3.54
C ALA A 397 13.61 7.61 -3.58
N ALA A 398 14.23 7.13 -4.67
CA ALA A 398 15.70 7.29 -4.87
C ALA A 398 16.07 8.78 -4.82
N ALA A 399 15.03 9.61 -4.99
CA ALA A 399 15.12 11.06 -4.85
C ALA A 399 15.00 11.51 -3.39
N PHE A 400 13.92 11.17 -2.72
CA PHE A 400 13.58 11.74 -1.39
C PHE A 400 14.55 11.36 -0.25
N TRP A 401 15.83 11.32 -0.63
CA TRP A 401 16.94 10.83 0.16
C TRP A 401 18.24 11.13 -0.58
N GLY A 402 18.17 11.18 -1.91
CA GLY A 402 19.26 11.67 -2.76
C GLY A 402 18.94 13.06 -3.30
N CYS A 403 17.72 13.51 -3.00
CA CYS A 403 17.25 14.89 -3.22
C CYS A 403 17.30 15.62 -1.83
N GLY A 404 17.36 14.78 -0.78
CA GLY A 404 17.53 15.22 0.59
C GLY A 404 18.71 14.63 1.36
N LEU A 405 19.75 14.20 0.63
CA LEU A 405 21.02 13.77 1.27
C LEU A 405 21.72 14.99 1.85
N LEU A 406 21.87 16.00 1.01
CA LEU A 406 22.59 17.22 1.37
C LEU A 406 21.86 18.06 2.42
N PRO A 407 20.51 18.19 2.31
CA PRO A 407 19.75 18.55 3.51
C PRO A 407 19.77 17.44 4.57
N GLY A 408 20.98 16.97 4.88
CA GLY A 408 21.23 16.13 6.03
C GLY A 408 22.20 16.87 6.92
N TYR A 409 23.33 17.26 6.33
CA TYR A 409 24.30 18.16 6.98
C TYR A 409 24.05 19.62 6.59
N LEU A 410 22.76 19.97 6.53
CA LEU A 410 22.31 21.34 6.29
C LEU A 410 21.36 21.85 7.37
N LEU A 411 21.28 21.11 8.49
CA LEU A 411 20.90 21.66 9.78
C LEU A 411 22.22 22.02 10.42
N ALA A 412 23.17 21.09 10.28
CA ALA A 412 24.56 21.25 10.71
C ALA A 412 25.35 22.03 9.64
N TYR A 413 25.18 23.36 9.65
CA TYR A 413 25.78 24.31 8.69
C TYR A 413 24.91 25.58 8.58
N ARG A 414 23.94 25.72 9.48
CA ARG A 414 22.78 26.59 9.27
C ARG A 414 22.97 28.12 9.25
N PHE A 415 22.01 28.82 8.64
CA PHE A 415 21.96 30.28 8.54
C PHE A 415 21.24 30.91 9.75
N ASP A 416 20.19 30.24 10.23
CA ASP A 416 19.47 30.68 11.44
C ASP A 416 19.27 29.51 12.41
N MET A 417 18.12 29.47 13.09
CA MET A 417 17.74 28.35 13.94
C MET A 417 17.39 27.13 13.08
N GLY A 418 18.42 26.53 12.50
CA GLY A 418 18.26 25.50 11.47
C GLY A 418 17.94 24.10 11.99
N ILE A 419 17.00 24.06 12.92
CA ILE A 419 16.56 22.80 13.50
C ILE A 419 15.60 22.10 12.54
N TYR A 420 14.81 22.88 11.81
CA TYR A 420 14.02 22.38 10.68
C TYR A 420 14.82 22.61 9.41
N GLY A 421 16.14 22.69 9.59
CA GLY A 421 17.08 23.10 8.56
C GLY A 421 17.42 22.06 7.52
N PHE A 422 17.86 20.89 7.96
CA PHE A 422 18.07 19.77 7.06
C PHE A 422 16.73 19.20 6.58
N TRP A 423 15.65 19.83 7.06
CA TRP A 423 14.35 19.74 6.43
C TRP A 423 14.33 20.82 5.39
N THR A 424 15.32 20.81 4.50
CA THR A 424 15.38 21.76 3.39
C THR A 424 14.90 21.10 2.08
N ALA A 425 15.82 20.58 1.26
CA ALA A 425 15.41 19.76 0.11
C ALA A 425 15.06 18.35 0.61
N LEU A 426 14.71 18.29 1.90
CA LEU A 426 13.94 17.18 2.49
C LEU A 426 12.60 17.70 3.01
N ILE A 427 12.20 18.84 2.45
CA ILE A 427 10.79 19.22 2.29
C ILE A 427 10.64 19.77 0.85
N ALA A 428 11.72 19.64 0.06
CA ALA A 428 11.73 19.96 -1.40
C ALA A 428 12.17 18.78 -2.32
N SER A 429 13.10 17.97 -1.79
CA SER A 429 13.13 16.55 -2.08
C SER A 429 11.68 16.10 -2.02
N LEU A 430 11.14 16.28 -0.82
CA LEU A 430 9.87 15.76 -0.40
C LEU A 430 8.64 16.57 -0.91
N THR A 431 8.88 17.67 -1.62
CA THR A 431 7.82 18.26 -2.45
C THR A 431 8.20 18.37 -3.95
N ILE A 432 9.26 17.66 -4.36
CA ILE A 432 9.30 17.12 -5.74
C ILE A 432 8.66 15.71 -5.71
N ALA A 433 7.79 15.53 -4.72
CA ALA A 433 6.78 14.49 -4.70
C ALA A 433 5.50 15.07 -5.34
N ALA A 434 5.22 16.34 -5.01
CA ALA A 434 4.14 17.12 -5.64
C ALA A 434 4.19 17.04 -7.15
N VAL A 435 5.29 16.49 -7.65
CA VAL A 435 5.53 16.30 -9.09
C VAL A 435 5.55 14.81 -9.44
N ALA A 436 6.75 14.27 -9.75
CA ALA A 436 7.03 12.93 -10.39
C ALA A 436 5.95 11.82 -10.37
N LEU A 437 5.37 11.71 -9.18
CA LEU A 437 4.26 10.82 -8.87
C LEU A 437 3.04 11.30 -9.65
N VAL A 438 2.17 12.05 -8.96
CA VAL A 438 0.99 12.77 -9.48
C VAL A 438 1.29 13.45 -10.84
N TRP A 439 2.49 13.17 -11.34
CA TRP A 439 2.95 13.40 -12.71
C TRP A 439 2.54 12.20 -13.53
N CYS A 440 2.99 11.02 -13.14
CA CYS A 440 2.42 9.77 -13.73
C CYS A 440 1.11 9.49 -12.94
N LEU A 441 0.19 10.41 -13.12
CA LEU A 441 -1.16 10.36 -12.53
C LEU A 441 -1.85 11.53 -13.23
N GLU A 442 -1.12 11.98 -14.25
CA GLU A 442 -1.63 12.68 -15.40
C GLU A 442 -0.68 12.37 -16.60
N LYS A 443 0.29 11.45 -16.39
CA LYS A 443 0.74 10.54 -17.47
C LYS A 443 -0.41 9.55 -17.41
N TYR A 444 -0.97 9.46 -16.22
CA TYR A 444 -1.53 8.23 -15.84
C TYR A 444 -3.03 8.02 -15.64
N SER A 445 -3.77 9.12 -15.58
CA SER A 445 -5.23 9.04 -15.70
C SER A 445 -5.48 9.39 -17.16
N MET A 446 -4.47 10.04 -17.73
CA MET A 446 -4.34 10.25 -19.17
C MET A 446 -3.86 8.95 -19.84
N GLU A 447 -3.79 7.90 -19.03
CA GLU A 447 -3.52 6.59 -19.56
C GLU A 447 -4.82 5.89 -19.99
N LEU A 448 -5.88 6.14 -19.22
CA LEU A 448 -7.14 5.47 -19.40
C LEU A 448 -8.00 6.29 -20.35
N VAL A 449 -7.28 6.85 -21.32
CA VAL A 449 -7.82 7.34 -22.56
C VAL A 449 -7.30 6.35 -23.62
N LYS A 450 -5.97 6.13 -23.60
CA LYS A 450 -5.30 5.15 -24.46
C LYS A 450 -5.91 3.76 -24.23
N SER A 451 -6.34 3.56 -23.00
CA SER A 451 -6.84 2.29 -22.55
C SER A 451 -8.34 2.12 -22.84
N HIS A 452 -9.18 3.08 -22.44
CA HIS A 452 -10.63 3.04 -22.67
C HIS A 452 -10.91 3.23 -24.13
N LYS A 453 -10.65 2.15 -24.87
CA LYS A 453 -10.50 2.17 -26.31
C LYS A 453 -11.83 2.09 -27.07
N ALA A 454 -12.93 1.87 -26.38
CA ALA A 454 -14.22 2.17 -26.97
C ALA A 454 -15.07 3.01 -26.05
N VAL A 455 -15.00 4.34 -26.27
CA VAL A 455 -15.45 5.44 -25.34
C VAL A 455 -16.80 5.27 -24.61
N SER A 456 -17.72 4.53 -25.25
CA SER A 456 -19.04 4.11 -24.72
C SER A 456 -19.78 3.27 -25.78
N SER A 457 -21.02 2.87 -25.49
CA SER A 457 -21.79 1.97 -26.37
C SER A 457 -23.15 2.53 -26.73
N GLY A 458 -24.11 1.64 -26.95
CA GLY A 458 -25.43 2.03 -27.40
C GLY A 458 -26.53 1.88 -26.37
N LEU A 459 -27.67 1.35 -26.81
CA LEU A 459 -28.86 1.17 -25.98
C LEU A 459 -29.60 -0.11 -26.37
N VAL B 9 -36.51 -8.58 -31.98
CA VAL B 9 -37.11 -7.26 -31.58
C VAL B 9 -36.29 -6.62 -30.44
N SER B 10 -35.01 -6.37 -30.71
CA SER B 10 -34.09 -5.78 -29.70
C SER B 10 -33.01 -4.80 -30.21
N SER B 11 -31.83 -4.83 -29.57
CA SER B 11 -30.69 -3.95 -29.85
C SER B 11 -29.38 -4.80 -29.93
N VAL B 12 -28.23 -4.24 -29.54
CA VAL B 12 -26.94 -4.90 -29.79
C VAL B 12 -26.31 -5.63 -28.57
N PRO B 13 -25.23 -6.43 -28.78
CA PRO B 13 -24.16 -6.59 -27.79
C PRO B 13 -23.61 -5.25 -27.31
N THR B 14 -24.28 -4.62 -26.33
CA THR B 14 -24.12 -3.16 -26.03
C THR B 14 -23.04 -2.70 -25.02
N LYS B 15 -21.80 -3.12 -25.24
CA LYS B 15 -20.62 -2.45 -24.68
C LYS B 15 -19.61 -2.31 -25.80
N LEU B 16 -18.60 -1.51 -25.56
CA LEU B 16 -17.50 -1.40 -26.50
C LEU B 16 -16.22 -1.31 -25.67
N GLU B 17 -15.11 -1.74 -26.25
CA GLU B 17 -13.79 -1.51 -25.66
C GLU B 17 -12.76 -2.37 -26.38
N VAL B 18 -11.57 -1.86 -26.50
CA VAL B 18 -10.53 -2.56 -27.21
C VAL B 18 -9.22 -2.47 -26.42
N VAL B 19 -9.36 -2.25 -25.10
CA VAL B 19 -8.34 -1.59 -24.21
C VAL B 19 -6.97 -1.27 -24.86
N ALA B 20 -6.20 -2.31 -25.16
CA ALA B 20 -4.94 -2.19 -25.87
C ALA B 20 -4.93 -3.18 -27.02
N ALA B 21 -3.77 -3.29 -27.65
CA ALA B 21 -3.54 -4.30 -28.65
C ALA B 21 -2.35 -5.15 -28.19
N THR B 22 -1.59 -5.68 -29.15
CA THR B 22 -0.18 -6.03 -28.98
C THR B 22 0.54 -5.43 -30.19
N PRO B 23 0.35 -4.11 -30.42
CA PRO B 23 0.36 -3.31 -31.63
C PRO B 23 0.59 -3.98 -32.98
N THR B 24 0.56 -5.31 -33.01
CA THR B 24 0.36 -6.05 -34.24
C THR B 24 -1.12 -6.48 -34.27
N SER B 25 -1.51 -7.31 -33.28
CA SER B 25 -2.89 -7.75 -33.09
C SER B 25 -3.55 -7.04 -31.92
N LEU B 26 -4.76 -7.49 -31.54
CA LEU B 26 -5.60 -6.71 -30.63
C LEU B 26 -6.59 -7.51 -29.78
N LEU B 27 -6.73 -7.08 -28.53
CA LEU B 27 -7.73 -7.61 -27.62
C LEU B 27 -8.95 -6.74 -27.69
N ILE B 28 -10.09 -7.40 -27.91
CA ILE B 28 -11.38 -6.78 -28.09
C ILE B 28 -12.30 -7.35 -27.04
N SER B 29 -12.59 -6.59 -25.99
CA SER B 29 -13.32 -7.18 -24.87
C SER B 29 -14.61 -6.46 -24.59
N TRP B 30 -15.72 -7.03 -25.08
CA TRP B 30 -16.99 -6.29 -25.06
C TRP B 30 -18.05 -7.00 -24.32
N ASP B 31 -19.27 -6.48 -24.44
CA ASP B 31 -20.41 -7.01 -23.72
C ASP B 31 -20.95 -8.30 -24.31
N ALA B 32 -21.40 -9.17 -23.39
CA ALA B 32 -22.16 -10.41 -23.65
C ALA B 32 -22.82 -10.89 -22.34
N ARG B 33 -23.96 -10.30 -21.98
CA ARG B 33 -24.61 -10.59 -20.69
C ARG B 33 -25.30 -11.98 -20.62
N GLY B 34 -24.49 -13.03 -20.60
CA GLY B 34 -24.94 -14.39 -20.97
C GLY B 34 -24.60 -14.54 -22.44
N GLU B 35 -25.58 -14.94 -23.26
CA GLU B 35 -25.45 -15.01 -24.75
C GLU B 35 -26.80 -14.61 -25.32
N TYR B 36 -27.16 -15.08 -26.50
CA TYR B 36 -28.54 -15.55 -26.51
C TYR B 36 -28.91 -17.00 -26.80
N VAL B 37 -29.33 -17.36 -28.00
CA VAL B 37 -29.29 -18.80 -28.26
C VAL B 37 -27.81 -19.12 -28.19
N VAL B 38 -26.97 -18.22 -28.77
CA VAL B 38 -25.52 -18.07 -28.50
C VAL B 38 -24.70 -18.07 -29.76
N TYR B 39 -23.82 -17.08 -29.87
CA TYR B 39 -22.99 -16.94 -31.06
C TYR B 39 -22.54 -15.53 -31.29
N TYR B 40 -21.33 -15.42 -31.76
CA TYR B 40 -20.86 -14.13 -32.17
C TYR B 40 -20.09 -14.34 -33.44
N ARG B 41 -20.42 -13.51 -34.41
CA ARG B 41 -19.66 -13.37 -35.61
C ARG B 41 -19.03 -12.09 -35.27
N ILE B 42 -17.77 -11.92 -35.65
CA ILE B 42 -17.15 -10.62 -35.52
C ILE B 42 -16.54 -10.20 -36.89
N THR B 43 -16.90 -8.99 -37.37
CA THR B 43 -16.36 -8.43 -38.62
C THR B 43 -14.86 -8.19 -38.48
N TYR B 44 -14.17 -8.00 -39.60
CA TYR B 44 -12.73 -7.93 -39.58
C TYR B 44 -12.23 -7.12 -40.74
N GLY B 45 -12.13 -5.82 -40.52
CA GLY B 45 -11.65 -4.95 -41.57
C GLY B 45 -11.02 -3.69 -41.06
N GLU B 46 -10.30 -3.03 -41.95
CA GLU B 46 -9.87 -1.64 -41.73
C GLU B 46 -11.09 -0.75 -41.71
N THR B 47 -10.89 0.50 -42.12
CA THR B 47 -12.03 1.27 -42.55
C THR B 47 -11.63 1.83 -43.89
N GLY B 48 -10.57 1.25 -44.45
CA GLY B 48 -10.18 1.60 -45.80
C GLY B 48 -11.37 1.48 -46.75
N GLY B 49 -12.10 0.37 -46.66
CA GLY B 49 -13.10 0.03 -47.67
C GLY B 49 -12.49 -0.80 -48.81
N ASN B 50 -11.21 -1.12 -48.64
CA ASN B 50 -10.47 -1.95 -49.59
C ASN B 50 -10.36 -3.38 -49.06
N SER B 51 -9.13 -3.82 -48.81
CA SER B 51 -8.77 -5.07 -48.13
C SER B 51 -9.97 -5.74 -47.44
N PRO B 52 -10.60 -6.72 -48.11
CA PRO B 52 -11.83 -7.36 -47.67
C PRO B 52 -12.04 -7.65 -46.16
N VAL B 53 -13.31 -7.88 -45.84
CA VAL B 53 -13.78 -8.27 -44.52
C VAL B 53 -13.30 -9.68 -44.20
N GLN B 54 -13.13 -9.98 -42.93
CA GLN B 54 -12.91 -11.38 -42.53
C GLN B 54 -13.62 -11.77 -41.22
N GLU B 55 -13.58 -13.06 -40.87
CA GLU B 55 -14.50 -13.53 -39.84
C GLU B 55 -13.88 -14.24 -38.64
N PHE B 56 -13.92 -13.61 -37.47
CA PHE B 56 -13.71 -14.32 -36.21
C PHE B 56 -15.08 -14.79 -35.82
N THR B 57 -15.13 -15.87 -35.04
CA THR B 57 -16.42 -16.35 -34.48
C THR B 57 -16.40 -17.11 -33.09
N VAL B 58 -17.15 -16.64 -32.10
CA VAL B 58 -17.05 -17.15 -30.73
C VAL B 58 -18.37 -17.55 -30.13
N PRO B 59 -18.29 -18.23 -28.99
CA PRO B 59 -19.41 -18.87 -28.25
C PRO B 59 -20.17 -18.08 -27.15
N GLY B 60 -20.06 -18.54 -25.91
CA GLY B 60 -20.84 -18.13 -24.70
C GLY B 60 -21.10 -16.66 -24.44
N SER B 61 -20.70 -16.20 -23.25
CA SER B 61 -20.78 -14.76 -22.87
C SER B 61 -19.48 -14.08 -23.34
N SER B 62 -19.02 -14.63 -24.46
CA SER B 62 -17.72 -14.39 -25.03
C SER B 62 -17.84 -13.63 -26.36
N SER B 63 -17.92 -12.29 -26.29
CA SER B 63 -17.53 -11.40 -27.40
C SER B 63 -16.15 -10.81 -27.03
N THR B 64 -15.76 -11.17 -25.79
CA THR B 64 -14.56 -10.75 -25.04
C THR B 64 -13.24 -11.43 -25.45
N ALA B 65 -12.97 -11.49 -26.76
CA ALA B 65 -11.74 -12.11 -27.31
C ALA B 65 -10.68 -11.16 -27.94
N THR B 66 -9.95 -11.69 -28.91
CA THR B 66 -8.73 -11.06 -29.38
C THR B 66 -8.41 -11.50 -30.78
N ILE B 67 -8.18 -10.52 -31.66
CA ILE B 67 -7.97 -10.78 -33.09
C ILE B 67 -6.54 -11.23 -33.42
N SER B 68 -6.34 -11.68 -34.66
CA SER B 68 -5.03 -12.08 -35.20
C SER B 68 -4.28 -10.91 -35.89
N GLY B 69 -4.74 -9.69 -35.57
CA GLY B 69 -4.46 -8.41 -36.27
C GLY B 69 -3.20 -8.26 -37.09
N LEU B 70 -3.25 -8.73 -38.33
CA LEU B 70 -2.03 -8.85 -39.12
C LEU B 70 -1.34 -7.50 -39.29
N SER B 71 -1.83 -6.67 -40.21
CA SER B 71 -1.15 -5.41 -40.60
C SER B 71 -0.85 -4.42 -39.46
N PRO B 72 0.07 -3.46 -39.70
CA PRO B 72 0.61 -2.53 -38.69
C PRO B 72 -0.36 -1.47 -38.14
N GLY B 73 0.07 -0.20 -38.16
CA GLY B 73 -0.68 0.90 -37.58
C GLY B 73 -2.07 1.18 -38.13
N VAL B 74 -2.27 0.82 -39.40
CA VAL B 74 -3.48 1.16 -40.22
C VAL B 74 -4.87 1.11 -39.56
N ASP B 75 -5.72 2.09 -39.87
CA ASP B 75 -7.02 2.16 -39.21
C ASP B 75 -7.73 0.89 -39.45
N TYR B 76 -8.22 0.32 -38.36
CA TYR B 76 -9.01 -0.88 -38.36
C TYR B 76 -10.34 -0.60 -37.64
N THR B 77 -11.45 -1.01 -38.28
CA THR B 77 -12.81 -0.91 -37.73
C THR B 77 -13.44 -2.26 -37.57
N ILE B 78 -14.04 -2.52 -36.40
CA ILE B 78 -14.52 -3.89 -36.13
C ILE B 78 -15.73 -4.21 -35.23
N THR B 79 -16.70 -4.90 -35.85
CA THR B 79 -18.02 -5.25 -35.31
C THR B 79 -18.24 -6.69 -34.80
N VAL B 80 -18.99 -6.78 -33.71
CA VAL B 80 -19.47 -8.02 -33.18
C VAL B 80 -20.95 -8.14 -33.47
N TYR B 81 -21.44 -9.36 -33.38
CA TYR B 81 -22.75 -9.76 -33.81
C TYR B 81 -23.37 -10.74 -32.86
N ALA B 82 -24.55 -10.32 -32.37
CA ALA B 82 -25.46 -11.17 -31.60
C ALA B 82 -26.05 -12.24 -32.54
N ARG B 83 -26.43 -13.40 -31.99
CA ARG B 83 -27.24 -14.41 -32.72
C ARG B 83 -28.09 -15.21 -31.74
N SER B 84 -29.40 -15.29 -31.99
CA SER B 84 -30.29 -15.65 -30.88
C SER B 84 -31.45 -16.57 -31.23
N TYR B 85 -32.41 -16.67 -30.32
CA TYR B 85 -33.81 -17.05 -30.61
C TYR B 85 -33.97 -17.51 -32.05
N TYR B 86 -34.15 -16.54 -32.93
CA TYR B 86 -34.10 -16.74 -34.36
C TYR B 86 -32.63 -16.84 -34.70
N TRP B 87 -32.28 -17.93 -35.38
CA TRP B 87 -30.95 -18.18 -35.92
C TRP B 87 -30.44 -17.01 -36.72
N GLY B 88 -31.15 -15.89 -36.62
CA GLY B 88 -30.71 -14.59 -37.12
C GLY B 88 -30.03 -13.80 -36.01
N TRP B 89 -29.88 -12.49 -36.24
CA TRP B 89 -28.96 -11.64 -35.48
C TRP B 89 -29.58 -10.51 -34.69
N TYR B 90 -29.40 -10.54 -33.37
CA TYR B 90 -30.10 -9.62 -32.46
C TYR B 90 -29.81 -8.14 -32.69
N SER B 91 -28.54 -7.76 -32.74
CA SER B 91 -28.13 -6.56 -33.47
C SER B 91 -26.61 -6.52 -33.53
N PRO B 92 -26.05 -5.57 -34.29
CA PRO B 92 -24.63 -5.53 -34.18
C PRO B 92 -24.17 -4.20 -33.57
N ILE B 93 -22.94 -4.19 -33.05
CA ILE B 93 -22.24 -2.96 -32.64
C ILE B 93 -20.76 -2.91 -33.06
N SER B 94 -20.26 -1.74 -33.49
CA SER B 94 -18.85 -1.55 -33.92
C SER B 94 -18.09 -0.27 -33.48
N ILE B 95 -16.77 -0.45 -33.34
CA ILE B 95 -15.82 0.64 -33.14
C ILE B 95 -14.67 0.51 -34.13
N ASN B 96 -13.95 1.61 -34.36
CA ASN B 96 -12.90 1.70 -35.41
C ASN B 96 -11.44 1.93 -34.96
N TYR B 97 -11.20 1.92 -33.65
CA TYR B 97 -9.93 2.42 -33.15
C TYR B 97 -8.76 1.44 -33.27
N ARG B 98 -7.90 1.75 -34.23
CA ARG B 98 -6.84 0.88 -34.79
C ARG B 98 -5.63 0.44 -33.92
N THR B 99 -4.41 0.59 -34.46
CA THR B 99 -3.17 0.22 -33.76
C THR B 99 -2.78 1.24 -32.68
#